data_2QV3
#
_entry.id   2QV3
#
_cell.length_a   56.606
_cell.length_b   56.606
_cell.length_c   256.895
_cell.angle_alpha   90.000
_cell.angle_beta   90.000
_cell.angle_gamma   120.000
#
_symmetry.space_group_name_H-M   'P 32 2 1'
#
loop_
_entity.id
_entity.type
_entity.pdbx_description
1 polymer 'Vacuolating cytotoxin'
2 water water
#
_entity_poly.entity_id   1
_entity_poly.type   'polypeptide(L)'
_entity_poly.pdbx_seq_one_letter_code
;TVVNIDRINTKADGTIKVGGFKASLTTNAAHLNIGKGGVNLSNQASGRTLLVENLTGNITVDGPLRVNNQVGGYALAGSS
ANFEFKAGVDTKNGTATFNNDISLGRFVNLKVDAHTANFKGIDTGNGGFNTLDFSGVTNKVNINKLITASTNVAVKNFNI
NELIVKTNGVSVGEYTHFSEDIGSQSRINTVRLETGTRSIFSGGVKFKSGEKLVIDEFYYSPWNYFDARNIKNVEITRKF
ASSTPENPWGTSKLMFNNLTLGQNAVMDYSQFSNLTIQGDFINNQGTINYLVRGGKVATLNVGNAAAMMFNNDIDSATGF
YKPLIKINSAQDLIKNTEHVLLKAKIIGYGNVSTGTNGISNVNLEEQFKERLALYNNNNRMDTCVVRNTDDIKACGMAIG
NQSMVNNPDNYKYLIGKAWKNIGISKTANGSKISVYYLGNSTPTENGGNTTNLPTNT
;
_entity_poly.pdbx_strand_id   A
#
# COMPACT_ATOMS: atom_id res chain seq x y z
N THR A 1 16.19 -22.00 35.76
CA THR A 1 15.66 -21.26 34.59
C THR A 1 14.53 -22.00 33.82
N VAL A 2 14.80 -22.25 32.54
CA VAL A 2 13.78 -22.69 31.60
C VAL A 2 12.90 -23.75 32.20
N VAL A 3 11.58 -23.57 32.23
CA VAL A 3 10.72 -24.74 32.37
C VAL A 3 10.37 -25.09 30.94
N ASN A 4 10.65 -26.34 30.57
CA ASN A 4 10.27 -26.80 29.24
C ASN A 4 9.14 -27.81 29.41
N ILE A 5 8.15 -27.78 28.56
CA ILE A 5 6.97 -28.64 28.67
C ILE A 5 6.60 -28.94 27.22
N ASP A 6 6.46 -30.22 26.86
CA ASP A 6 6.14 -30.57 25.49
C ASP A 6 4.78 -30.14 25.07
N ARG A 7 3.81 -30.31 25.93
CA ARG A 7 2.44 -30.03 25.52
C ARG A 7 1.53 -29.84 26.71
N ILE A 8 0.58 -28.92 26.53
CA ILE A 8 -0.29 -28.52 27.61
C ILE A 8 -1.64 -28.77 26.99
N ASN A 9 -2.39 -29.71 27.54
CA ASN A 9 -3.74 -29.95 27.10
C ASN A 9 -4.63 -29.47 28.16
N THR A 10 -5.78 -28.92 27.84
CA THR A 10 -6.74 -28.76 28.88
C THR A 10 -7.71 -29.88 28.55
N LYS A 11 -8.62 -30.21 29.47
CA LYS A 11 -9.70 -31.15 29.15
C LYS A 11 -11.03 -30.71 29.77
N ALA A 12 -12.13 -31.33 29.34
CA ALA A 12 -13.46 -30.88 29.75
C ALA A 12 -13.69 -31.28 31.19
N ALA A 23 -7.86 -23.96 33.75
CA ALA A 23 -7.72 -22.51 33.57
C ALA A 23 -6.25 -22.05 33.46
N SER A 24 -5.46 -22.11 34.55
CA SER A 24 -4.15 -21.39 34.62
C SER A 24 -2.91 -22.24 34.90
N LEU A 25 -1.91 -22.09 34.04
CA LEU A 25 -0.61 -22.64 34.21
C LEU A 25 0.28 -21.41 34.34
N THR A 26 0.77 -21.14 35.54
CA THR A 26 1.61 -20.03 35.89
C THR A 26 2.95 -20.56 36.27
N THR A 27 3.97 -20.00 35.68
CA THR A 27 5.31 -20.34 36.08
C THR A 27 5.95 -19.11 36.61
N ASN A 28 7.11 -19.30 37.18
CA ASN A 28 8.01 -18.22 37.44
C ASN A 28 9.39 -18.83 37.19
N ALA A 29 10.02 -18.31 36.12
CA ALA A 29 11.22 -18.89 35.48
C ALA A 29 11.65 -17.90 34.43
N ALA A 30 12.95 -17.81 34.14
CA ALA A 30 13.41 -16.89 33.09
C ALA A 30 12.96 -17.21 31.64
N HIS A 31 12.48 -18.43 31.40
CA HIS A 31 11.85 -18.83 30.11
C HIS A 31 10.89 -19.96 30.42
N LEU A 32 9.67 -19.86 29.94
CA LEU A 32 8.78 -21.01 29.87
C LEU A 32 8.89 -21.34 28.40
N ASN A 33 9.34 -22.56 28.06
CA ASN A 33 9.34 -23.09 26.66
C ASN A 33 8.32 -24.19 26.40
N ILE A 34 7.29 -23.95 25.64
CA ILE A 34 6.41 -25.01 25.24
C ILE A 34 6.85 -25.60 23.88
N GLY A 35 6.93 -26.92 23.82
CA GLY A 35 7.46 -27.59 22.66
C GLY A 35 6.38 -28.01 21.70
N LYS A 36 6.72 -29.03 20.93
CA LYS A 36 6.05 -29.30 19.66
C LYS A 36 4.58 -29.71 19.81
N GLY A 37 4.25 -30.33 20.93
CA GLY A 37 2.86 -30.59 21.28
C GLY A 37 1.93 -29.38 21.36
N GLY A 38 2.47 -28.22 21.74
CA GLY A 38 1.66 -27.02 21.71
C GLY A 38 0.65 -26.90 22.84
N VAL A 39 -0.41 -26.11 22.61
CA VAL A 39 -1.37 -25.82 23.66
C VAL A 39 -2.71 -26.28 23.12
N ASN A 40 -3.38 -27.20 23.81
CA ASN A 40 -4.69 -27.73 23.39
C ASN A 40 -5.81 -27.30 24.32
N LEU A 41 -6.85 -26.70 23.78
CA LEU A 41 -7.90 -26.21 24.63
C LEU A 41 -9.12 -27.06 24.27
N SER A 42 -10.08 -27.15 25.20
CA SER A 42 -11.17 -28.06 25.07
C SER A 42 -12.58 -27.48 24.71
N ASN A 43 -13.49 -27.53 25.68
CA ASN A 43 -14.94 -27.79 25.47
C ASN A 43 -15.81 -26.51 25.63
N GLN A 44 -16.84 -26.61 26.49
CA GLN A 44 -17.44 -25.45 27.17
C GLN A 44 -17.06 -25.59 28.68
N ALA A 45 -16.60 -26.78 29.07
CA ALA A 45 -16.12 -27.01 30.45
C ALA A 45 -14.78 -26.28 30.70
N SER A 46 -13.84 -26.36 29.76
CA SER A 46 -12.52 -25.74 29.93
C SER A 46 -11.91 -25.15 28.63
N GLY A 47 -12.81 -24.82 27.70
CA GLY A 47 -12.47 -24.13 26.46
C GLY A 47 -12.69 -22.68 26.78
N ARG A 48 -13.81 -22.47 27.48
CA ARG A 48 -14.15 -21.17 28.02
C ARG A 48 -13.00 -20.73 28.95
N THR A 49 -11.91 -20.31 28.25
CA THR A 49 -10.63 -19.70 28.72
C THR A 49 -9.47 -20.60 29.20
N LEU A 50 -8.28 -20.33 28.65
CA LEU A 50 -7.05 -21.02 29.08
C LEU A 50 -5.90 -20.01 29.26
N LEU A 51 -5.24 -20.03 30.40
CA LEU A 51 -4.24 -19.00 30.69
C LEU A 51 -2.85 -19.56 30.90
N VAL A 52 -1.90 -19.08 30.09
CA VAL A 52 -0.50 -19.52 30.28
C VAL A 52 0.36 -18.28 30.61
N GLU A 53 1.03 -18.27 31.75
CA GLU A 53 1.70 -17.11 32.29
C GLU A 53 3.13 -17.43 32.71
N ASN A 54 3.99 -16.42 32.63
CA ASN A 54 5.28 -16.46 33.28
C ASN A 54 5.50 -15.10 33.93
N LEU A 55 5.53 -15.09 35.28
CA LEU A 55 5.56 -13.88 36.09
C LEU A 55 6.81 -13.09 35.96
N THR A 56 7.80 -13.72 35.38
CA THR A 56 9.16 -13.34 35.62
C THR A 56 9.81 -13.35 34.28
N GLY A 57 9.57 -14.38 33.48
CA GLY A 57 10.27 -14.41 32.21
C GLY A 57 9.48 -14.52 30.94
N ASN A 58 10.15 -15.05 29.92
CA ASN A 58 9.56 -15.19 28.59
C ASN A 58 8.68 -16.44 28.39
N ILE A 59 7.97 -16.46 27.29
CA ILE A 59 7.28 -17.64 26.82
C ILE A 59 7.62 -17.89 25.34
N THR A 60 8.06 -19.09 25.00
CA THR A 60 8.26 -19.50 23.62
C THR A 60 7.36 -20.68 23.36
N VAL A 61 6.48 -20.59 22.37
CA VAL A 61 5.61 -21.71 21.97
C VAL A 61 6.09 -22.28 20.64
N ASP A 62 6.47 -23.55 20.65
CA ASP A 62 7.02 -24.18 19.45
C ASP A 62 6.04 -25.18 18.80
N GLY A 63 4.75 -24.91 18.95
CA GLY A 63 3.77 -25.81 18.47
C GLY A 63 2.52 -25.03 18.36
N PRO A 64 1.52 -25.62 17.70
CA PRO A 64 0.30 -24.92 17.34
C PRO A 64 -0.70 -24.81 18.48
N LEU A 65 -1.65 -23.91 18.38
CA LEU A 65 -2.78 -23.88 19.26
C LEU A 65 -3.84 -24.76 18.57
N ARG A 66 -4.43 -25.65 19.40
CA ARG A 66 -5.53 -26.53 19.01
C ARG A 66 -6.79 -26.21 19.80
N VAL A 67 -7.95 -26.44 19.20
CA VAL A 67 -9.20 -26.37 19.95
C VAL A 67 -9.86 -27.73 19.70
N ASN A 68 -10.30 -28.39 20.77
CA ASN A 68 -10.78 -29.78 20.69
C ASN A 68 -9.86 -30.62 19.79
N ASN A 69 -8.56 -30.60 20.06
CA ASN A 69 -7.57 -31.43 19.31
C ASN A 69 -7.33 -31.06 17.81
N GLN A 70 -7.81 -29.89 17.34
CA GLN A 70 -7.68 -29.48 15.93
C GLN A 70 -7.10 -28.06 15.67
N VAL A 71 -6.02 -27.96 14.89
CA VAL A 71 -5.56 -26.66 14.35
C VAL A 71 -6.72 -25.84 13.74
N GLY A 72 -7.59 -26.49 12.97
CA GLY A 72 -8.87 -25.84 12.67
C GLY A 72 -9.53 -25.12 13.85
N GLY A 73 -9.75 -25.79 14.98
CA GLY A 73 -10.49 -25.18 16.09
C GLY A 73 -11.97 -25.12 15.94
N TYR A 74 -12.60 -24.07 16.44
CA TYR A 74 -14.06 -23.81 16.23
C TYR A 74 -14.84 -23.88 17.55
N ALA A 75 -15.64 -22.84 17.77
CA ALA A 75 -16.50 -22.74 18.94
C ALA A 75 -17.89 -22.24 18.48
N LEU A 76 -18.91 -22.35 19.34
CA LEU A 76 -20.27 -21.78 19.10
C LEU A 76 -20.33 -20.27 19.39
N ALA A 77 -21.37 -19.59 18.92
CA ALA A 77 -21.59 -18.18 19.31
C ALA A 77 -21.72 -18.04 20.87
N GLY A 78 -22.54 -18.89 21.49
CA GLY A 78 -22.60 -18.94 22.96
C GLY A 78 -21.49 -19.65 23.74
N SER A 79 -20.33 -19.86 23.09
CA SER A 79 -19.07 -20.34 23.72
C SER A 79 -17.84 -19.84 22.93
N SER A 80 -16.95 -19.13 23.60
CA SER A 80 -15.71 -18.79 22.93
C SER A 80 -14.61 -19.68 23.48
N ALA A 81 -13.63 -20.03 22.65
CA ALA A 81 -12.36 -20.57 23.13
C ALA A 81 -11.28 -19.46 23.18
N ASN A 82 -10.84 -19.13 24.38
CA ASN A 82 -9.93 -18.01 24.64
C ASN A 82 -8.57 -18.49 25.05
N PHE A 83 -7.51 -18.18 24.30
CA PHE A 83 -6.14 -18.42 24.78
C PHE A 83 -5.63 -17.12 25.33
N GLU A 84 -4.88 -17.20 26.42
CA GLU A 84 -4.20 -16.05 26.99
C GLU A 84 -2.78 -16.39 27.31
N PHE A 85 -1.84 -15.55 26.85
CA PHE A 85 -0.45 -15.76 27.23
C PHE A 85 0.04 -14.46 27.82
N LYS A 86 0.59 -14.53 29.03
CA LYS A 86 1.09 -13.36 29.69
C LYS A 86 2.51 -13.63 30.06
N ALA A 87 3.43 -12.88 29.43
CA ALA A 87 4.87 -13.03 29.67
C ALA A 87 5.41 -11.86 30.47
N GLY A 88 6.36 -12.13 31.39
CA GLY A 88 7.01 -11.05 32.15
C GLY A 88 5.98 -10.24 32.94
N VAL A 89 5.03 -10.92 33.57
CA VAL A 89 3.89 -10.24 34.21
C VAL A 89 4.36 -9.23 35.27
N ASP A 90 5.28 -9.65 36.14
CA ASP A 90 5.76 -8.88 37.27
C ASP A 90 7.05 -8.15 36.98
N THR A 91 7.51 -8.25 35.72
CA THR A 91 8.78 -7.64 35.25
C THR A 91 8.57 -6.56 34.17
N LYS A 92 7.59 -6.79 33.31
CA LYS A 92 7.39 -5.86 32.18
C LYS A 92 8.54 -5.90 31.16
N ASN A 93 9.19 -7.05 31.06
CA ASN A 93 10.30 -7.26 30.15
C ASN A 93 10.20 -8.61 29.55
N GLY A 94 8.98 -9.10 29.37
CA GLY A 94 8.77 -10.45 28.86
C GLY A 94 8.56 -10.43 27.38
N THR A 95 9.13 -11.44 26.74
CA THR A 95 8.97 -11.68 25.29
C THR A 95 8.13 -12.96 25.15
N ALA A 96 7.06 -12.86 24.36
CA ALA A 96 6.25 -14.01 24.04
C ALA A 96 6.47 -14.24 22.53
N THR A 97 7.02 -15.42 22.19
CA THR A 97 7.39 -15.83 20.86
C THR A 97 6.66 -17.11 20.45
N PHE A 98 5.99 -17.03 19.32
CA PHE A 98 5.30 -18.20 18.85
C PHE A 98 6.01 -18.59 17.60
N ASN A 99 6.82 -19.65 17.67
CA ASN A 99 7.58 -20.08 16.49
C ASN A 99 6.83 -20.93 15.49
N ASN A 100 5.54 -21.25 15.75
CA ASN A 100 4.69 -22.07 14.86
C ASN A 100 3.63 -21.12 14.39
N ASP A 101 3.28 -21.20 13.11
CA ASP A 101 2.06 -20.63 12.61
C ASP A 101 0.89 -21.07 13.56
N ILE A 102 -0.12 -20.23 13.67
CA ILE A 102 -1.24 -20.38 14.56
C ILE A 102 -2.42 -20.20 13.60
N SER A 103 -3.51 -20.93 13.78
CA SER A 103 -4.75 -20.76 13.03
C SER A 103 -5.82 -20.69 14.07
N LEU A 104 -6.76 -19.79 13.93
CA LEU A 104 -7.83 -19.70 14.95
C LEU A 104 -9.13 -19.88 14.21
N GLY A 105 -9.89 -20.87 14.60
CA GLY A 105 -11.21 -21.18 14.03
C GLY A 105 -12.25 -20.26 14.60
N ARG A 106 -13.51 -20.55 14.30
CA ARG A 106 -14.59 -19.63 14.63
C ARG A 106 -14.84 -19.40 16.13
N PHE A 107 -15.04 -18.14 16.53
CA PHE A 107 -15.13 -17.75 17.98
C PHE A 107 -13.91 -18.12 18.86
N VAL A 108 -12.72 -18.13 18.29
CA VAL A 108 -11.50 -18.45 19.05
C VAL A 108 -10.75 -17.13 19.11
N ASN A 109 -10.40 -16.78 20.34
CA ASN A 109 -9.80 -15.49 20.65
C ASN A 109 -8.43 -15.72 21.19
N LEU A 110 -7.53 -14.75 21.04
CA LEU A 110 -6.19 -14.85 21.56
C LEU A 110 -5.77 -13.54 22.13
N LYS A 111 -5.28 -13.58 23.37
CA LYS A 111 -4.82 -12.42 24.11
C LYS A 111 -3.36 -12.73 24.45
N VAL A 112 -2.49 -11.74 24.20
CA VAL A 112 -1.13 -11.78 24.60
C VAL A 112 -0.79 -10.46 25.31
N ASP A 113 -0.24 -10.61 26.54
CA ASP A 113 0.43 -9.54 27.32
C ASP A 113 1.90 -9.86 27.31
N ALA A 114 2.71 -8.85 27.05
CA ALA A 114 4.16 -9.01 26.98
C ALA A 114 4.78 -7.63 26.79
N HIS A 115 6.09 -7.52 26.98
CA HIS A 115 6.85 -6.41 26.36
C HIS A 115 6.86 -6.53 24.81
N THR A 116 7.30 -7.67 24.28
CA THR A 116 7.39 -7.95 22.85
C THR A 116 6.67 -9.26 22.57
N ALA A 117 5.85 -9.28 21.51
CA ALA A 117 5.17 -10.50 21.10
C ALA A 117 5.59 -10.74 19.65
N ASN A 118 6.14 -11.92 19.35
CA ASN A 118 6.62 -12.26 18.01
C ASN A 118 5.88 -13.49 17.47
N PHE A 119 5.43 -13.44 16.21
CA PHE A 119 4.72 -14.56 15.63
C PHE A 119 5.23 -14.87 14.24
N LYS A 120 5.14 -16.13 13.82
CA LYS A 120 5.27 -16.45 12.38
C LYS A 120 3.96 -16.06 11.69
N GLY A 121 3.11 -17.03 11.37
CA GLY A 121 1.79 -16.73 10.79
C GLY A 121 0.67 -16.64 11.83
N ILE A 122 -0.30 -15.74 11.62
CA ILE A 122 -1.58 -15.83 12.38
C ILE A 122 -2.71 -15.82 11.34
N ASP A 123 -3.46 -16.90 11.25
CA ASP A 123 -4.47 -17.06 10.27
C ASP A 123 -5.81 -17.06 10.91
N THR A 124 -6.63 -16.08 10.62
CA THR A 124 -8.01 -16.10 11.15
C THR A 124 -9.00 -16.12 9.98
N GLY A 125 -8.48 -16.54 8.81
CA GLY A 125 -9.17 -16.47 7.52
C GLY A 125 -10.31 -17.46 7.46
N ASN A 126 -10.16 -18.57 8.17
CA ASN A 126 -11.22 -19.60 8.25
C ASN A 126 -12.06 -19.52 9.51
N GLY A 127 -12.01 -18.40 10.21
CA GLY A 127 -12.55 -18.39 11.55
C GLY A 127 -13.83 -17.64 11.58
N GLY A 128 -13.85 -16.51 12.29
CA GLY A 128 -14.99 -15.64 12.42
C GLY A 128 -15.02 -15.08 13.83
N PHE A 129 -15.20 -13.77 13.94
CA PHE A 129 -15.32 -13.14 15.28
C PHE A 129 -14.17 -13.51 16.15
N ASN A 130 -12.98 -13.38 15.61
CA ASN A 130 -11.77 -13.66 16.34
C ASN A 130 -11.31 -12.36 16.89
N THR A 131 -10.84 -12.40 18.13
CA THR A 131 -10.15 -11.29 18.75
C THR A 131 -8.71 -11.63 18.97
N LEU A 132 -7.84 -10.78 18.42
CA LEU A 132 -6.39 -10.74 18.78
C LEU A 132 -6.17 -9.56 19.73
N ASP A 133 -6.08 -9.86 21.02
CA ASP A 133 -6.00 -8.81 22.01
C ASP A 133 -4.53 -8.56 22.42
N PHE A 134 -3.90 -7.56 21.77
CA PHE A 134 -2.49 -7.24 22.02
C PHE A 134 -2.44 -5.95 22.79
N SER A 135 -3.58 -5.56 23.37
CA SER A 135 -3.63 -4.25 24.05
C SER A 135 -2.78 -4.23 25.31
N GLY A 136 -2.39 -5.38 25.85
CA GLY A 136 -1.45 -5.47 27.00
C GLY A 136 -0.05 -5.79 26.50
N VAL A 137 0.24 -5.56 25.22
CA VAL A 137 1.64 -5.60 24.74
C VAL A 137 2.21 -4.16 24.80
N THR A 138 3.26 -3.96 25.60
CA THR A 138 3.72 -2.63 25.94
C THR A 138 4.82 -2.11 25.01
N ASN A 139 5.40 -2.94 24.16
CA ASN A 139 6.38 -2.39 23.23
C ASN A 139 6.02 -2.56 21.75
N LYS A 140 6.08 -3.77 21.26
CA LYS A 140 5.88 -4.10 19.86
C LYS A 140 5.34 -5.51 19.65
N VAL A 141 4.38 -5.62 18.75
CA VAL A 141 3.97 -6.87 18.22
C VAL A 141 4.63 -7.04 16.85
N ASN A 142 5.42 -8.08 16.63
CA ASN A 142 5.93 -8.37 15.27
C ASN A 142 5.23 -9.58 14.68
N ILE A 143 4.67 -9.46 13.48
CA ILE A 143 3.97 -10.59 12.87
C ILE A 143 4.42 -10.80 11.44
N ASN A 144 4.86 -12.01 11.13
CA ASN A 144 5.18 -12.34 9.77
C ASN A 144 4.00 -12.23 8.85
N LYS A 145 2.99 -13.07 9.03
CA LYS A 145 1.85 -13.18 8.13
C LYS A 145 0.55 -13.14 8.92
N LEU A 146 -0.28 -12.15 8.63
CA LEU A 146 -1.50 -12.00 9.38
C LEU A 146 -2.62 -12.11 8.36
N ILE A 147 -3.46 -13.10 8.49
CA ILE A 147 -4.62 -13.28 7.60
C ILE A 147 -5.92 -13.00 8.39
N THR A 148 -6.68 -12.02 7.94
CA THR A 148 -7.87 -11.58 8.67
C THR A 148 -9.10 -11.72 7.79
N ALA A 149 -10.26 -11.62 8.41
CA ALA A 149 -11.57 -11.74 7.75
C ALA A 149 -12.60 -11.05 8.62
N SER A 150 -12.87 -11.71 9.74
CA SER A 150 -13.73 -11.21 10.82
C SER A 150 -12.88 -11.17 12.09
N THR A 151 -12.11 -10.09 12.25
CA THR A 151 -11.03 -10.05 13.21
C THR A 151 -10.91 -8.69 13.88
N ASN A 152 -10.88 -8.70 15.22
CA ASN A 152 -10.67 -7.50 16.05
C ASN A 152 -9.22 -7.55 16.44
N VAL A 153 -8.43 -6.74 15.78
CA VAL A 153 -6.98 -6.76 15.97
C VAL A 153 -6.71 -5.55 16.84
N ALA A 154 -6.59 -5.83 18.13
CA ALA A 154 -6.41 -4.82 19.15
C ALA A 154 -4.93 -4.66 19.41
N VAL A 155 -4.26 -3.95 18.50
CA VAL A 155 -2.80 -3.70 18.52
C VAL A 155 -2.45 -2.20 18.53
N LYS A 156 -1.40 -1.88 19.28
CA LYS A 156 -0.93 -0.50 19.38
C LYS A 156 0.31 -0.28 18.49
N ASN A 157 1.38 -0.95 18.74
CA ASN A 157 2.56 -0.69 18.03
C ASN A 157 2.97 -2.00 17.39
N PHE A 158 3.09 -2.03 16.05
CA PHE A 158 3.33 -3.29 15.35
C PHE A 158 4.24 -3.22 14.12
N ASN A 159 4.95 -4.32 13.86
CA ASN A 159 5.54 -4.54 12.55
C ASN A 159 4.93 -5.80 11.98
N ILE A 160 4.14 -5.66 10.93
CA ILE A 160 3.53 -6.80 10.29
C ILE A 160 4.15 -6.90 8.87
N ASN A 161 4.69 -8.04 8.49
CA ASN A 161 5.38 -8.15 7.23
C ASN A 161 4.35 -8.30 6.14
N GLU A 162 3.22 -8.92 6.44
CA GLU A 162 2.29 -9.22 5.37
C GLU A 162 0.89 -9.33 5.95
N LEU A 163 0.03 -8.41 5.53
CA LEU A 163 -1.39 -8.41 5.88
C LEU A 163 -2.23 -8.92 4.76
N ILE A 164 -2.96 -10.03 4.95
CA ILE A 164 -3.82 -10.54 3.94
C ILE A 164 -5.24 -10.37 4.44
N VAL A 165 -6.01 -9.51 3.78
CA VAL A 165 -7.37 -9.17 4.24
C VAL A 165 -8.37 -9.95 3.37
N LYS A 166 -9.08 -10.87 3.97
CA LYS A 166 -10.12 -11.64 3.29
C LYS A 166 -11.45 -11.04 3.63
N THR A 167 -12.46 -11.41 2.87
CA THR A 167 -13.85 -10.98 3.05
C THR A 167 -14.71 -12.16 3.66
N ASN A 168 -16.00 -11.90 3.88
CA ASN A 168 -16.84 -12.75 4.70
C ASN A 168 -18.09 -13.32 3.98
N GLY A 169 -17.88 -13.75 2.76
CA GLY A 169 -18.96 -14.28 1.94
C GLY A 169 -20.02 -13.21 1.76
N VAL A 170 -21.23 -13.59 1.95
CA VAL A 170 -22.32 -12.68 1.85
C VAL A 170 -22.74 -12.19 3.25
N SER A 171 -21.96 -12.54 4.31
CA SER A 171 -22.15 -12.03 5.67
C SER A 171 -22.09 -10.51 5.73
N VAL A 172 -22.78 -9.91 6.71
CA VAL A 172 -22.86 -8.44 6.80
C VAL A 172 -22.27 -7.95 8.12
N GLY A 173 -21.57 -6.81 8.09
CA GLY A 173 -21.10 -6.17 9.33
C GLY A 173 -19.95 -6.90 10.03
N GLU A 174 -19.23 -7.74 9.27
CA GLU A 174 -17.96 -8.40 9.67
C GLU A 174 -16.74 -7.83 8.89
N TYR A 175 -15.65 -7.55 9.60
CA TYR A 175 -14.50 -6.99 8.95
C TYR A 175 -13.21 -7.10 9.80
N THR A 176 -12.11 -6.62 9.26
CA THR A 176 -10.88 -6.54 9.96
C THR A 176 -10.81 -5.22 10.72
N HIS A 177 -10.92 -5.30 12.06
CA HIS A 177 -10.93 -4.07 12.88
C HIS A 177 -9.64 -3.81 13.63
N PHE A 178 -8.91 -2.75 13.29
CA PHE A 178 -7.76 -2.30 14.10
C PHE A 178 -8.33 -1.37 15.15
N SER A 179 -8.60 -1.90 16.32
CA SER A 179 -9.59 -1.30 17.25
C SER A 179 -8.95 -0.43 18.36
N GLU A 180 -7.61 -0.39 18.38
CA GLU A 180 -6.80 0.45 19.32
C GLU A 180 -6.18 1.56 18.54
N ASP A 181 -5.72 2.59 19.25
CA ASP A 181 -5.04 3.62 18.65
C ASP A 181 -3.66 3.09 18.28
N ILE A 182 -3.22 3.30 17.02
CA ILE A 182 -1.96 2.72 16.50
C ILE A 182 -0.73 3.62 16.59
N GLY A 183 -0.90 4.81 17.14
CA GLY A 183 0.27 5.66 17.39
C GLY A 183 0.92 6.16 16.08
N SER A 184 2.25 6.34 16.08
CA SER A 184 2.83 6.87 14.86
C SER A 184 3.98 6.02 14.34
N GLN A 185 4.21 4.87 14.98
CA GLN A 185 5.40 4.07 14.69
C GLN A 185 5.12 2.76 13.97
N SER A 186 3.85 2.39 13.76
CA SER A 186 3.62 1.07 13.21
C SER A 186 3.83 0.97 11.68
N ARG A 187 3.94 -0.24 11.19
CA ARG A 187 4.22 -0.40 9.82
C ARG A 187 3.77 -1.76 9.28
N ILE A 188 3.37 -1.80 8.02
CA ILE A 188 2.99 -3.06 7.41
C ILE A 188 3.76 -3.15 6.15
N ASN A 189 4.61 -4.16 5.93
CA ASN A 189 5.43 -4.14 4.73
C ASN A 189 4.58 -4.34 3.43
N THR A 190 3.69 -5.34 3.45
CA THR A 190 2.74 -5.63 2.35
C THR A 190 1.32 -5.79 2.88
N VAL A 191 0.41 -5.02 2.28
CA VAL A 191 -0.99 -5.23 2.45
C VAL A 191 -1.47 -5.87 1.17
N ARG A 192 -2.14 -7.02 1.29
CA ARG A 192 -2.85 -7.64 0.20
C ARG A 192 -4.34 -7.81 0.52
N LEU A 193 -5.13 -7.02 -0.16
CA LEU A 193 -6.56 -7.10 -0.15
C LEU A 193 -6.92 -8.25 -1.00
N GLU A 194 -7.62 -9.25 -0.49
CA GLU A 194 -8.10 -10.29 -1.38
C GLU A 194 -9.43 -9.93 -2.08
N THR A 195 -9.64 -10.48 -3.29
CA THR A 195 -10.92 -10.39 -3.97
C THR A 195 -12.05 -10.89 -3.05
N GLY A 196 -13.05 -10.03 -2.90
CA GLY A 196 -14.28 -10.32 -2.17
C GLY A 196 -15.35 -10.91 -3.02
N THR A 197 -16.52 -11.06 -2.41
CA THR A 197 -17.70 -11.49 -3.09
C THR A 197 -18.19 -10.35 -4.03
N ARG A 198 -18.48 -10.67 -5.29
CA ARG A 198 -18.81 -9.63 -6.27
C ARG A 198 -19.97 -8.69 -5.85
N SER A 199 -19.84 -7.38 -6.09
CA SER A 199 -20.92 -6.38 -5.87
C SER A 199 -21.05 -5.91 -4.42
N ILE A 200 -20.46 -6.66 -3.50
CA ILE A 200 -20.59 -6.30 -2.09
C ILE A 200 -19.21 -6.00 -1.56
N PHE A 201 -19.16 -5.51 -0.33
CA PHE A 201 -17.92 -5.25 0.36
C PHE A 201 -18.06 -5.92 1.72
N SER A 202 -17.94 -7.24 1.77
CA SER A 202 -18.30 -7.92 2.98
C SER A 202 -17.08 -8.16 3.87
N GLY A 203 -16.03 -7.39 3.68
CA GLY A 203 -14.80 -7.58 4.46
C GLY A 203 -13.91 -6.43 4.02
N GLY A 204 -12.89 -6.17 4.81
CA GLY A 204 -12.02 -5.05 4.62
C GLY A 204 -11.56 -4.47 5.94
N VAL A 205 -10.79 -3.38 5.87
CA VAL A 205 -10.06 -2.88 7.04
C VAL A 205 -10.61 -1.53 7.56
N LYS A 206 -10.84 -1.42 8.85
CA LYS A 206 -11.29 -0.20 9.46
C LYS A 206 -10.30 0.09 10.61
N PHE A 207 -9.74 1.29 10.72
CA PHE A 207 -8.89 1.65 11.87
C PHE A 207 -9.70 2.49 12.84
N LYS A 208 -9.63 2.20 14.14
CA LYS A 208 -10.21 3.12 15.12
C LYS A 208 -9.58 4.57 15.04
N SER A 209 -8.25 4.64 15.02
CA SER A 209 -7.53 5.89 15.10
C SER A 209 -6.00 5.70 15.15
N GLY A 210 -5.26 6.74 14.82
CA GLY A 210 -3.77 6.72 14.76
C GLY A 210 -3.22 8.02 14.20
N GLU A 211 -1.93 8.24 14.32
CA GLU A 211 -1.31 9.42 13.81
C GLU A 211 -0.59 9.11 12.47
N LYS A 212 0.08 7.98 12.33
CA LYS A 212 0.83 7.70 11.11
C LYS A 212 1.02 6.21 10.95
N LEU A 213 0.73 5.70 9.75
CA LEU A 213 1.02 4.32 9.36
C LEU A 213 1.90 4.31 8.12
N VAL A 214 3.00 3.54 8.12
CA VAL A 214 3.77 3.29 6.90
C VAL A 214 3.48 1.93 6.26
N ILE A 215 3.18 1.94 4.99
CA ILE A 215 2.95 0.73 4.22
C ILE A 215 3.93 0.68 3.01
N ASP A 216 4.69 -0.40 2.80
CA ASP A 216 5.63 -0.33 1.70
C ASP A 216 4.95 -0.67 0.38
N GLU A 217 4.22 -1.77 0.32
CA GLU A 217 3.55 -2.22 -0.86
C GLU A 217 2.13 -2.56 -0.46
N PHE A 218 1.18 -2.11 -1.27
CA PHE A 218 -0.22 -2.18 -1.00
C PHE A 218 -0.88 -2.66 -2.30
N TYR A 219 -1.48 -3.84 -2.28
CA TYR A 219 -2.18 -4.40 -3.46
C TYR A 219 -3.70 -4.50 -3.18
N TYR A 220 -4.50 -3.83 -4.03
CA TYR A 220 -5.95 -3.75 -3.80
C TYR A 220 -6.63 -4.67 -4.75
N SER A 221 -7.80 -5.13 -4.36
CA SER A 221 -8.57 -6.05 -5.14
C SER A 221 -10.01 -5.58 -4.94
N PRO A 222 -10.90 -5.87 -5.93
CA PRO A 222 -12.30 -5.39 -5.89
C PRO A 222 -13.06 -6.08 -4.77
N TRP A 223 -14.11 -5.40 -4.28
CA TRP A 223 -15.07 -6.01 -3.34
C TRP A 223 -14.45 -6.20 -1.97
N ASN A 224 -13.54 -5.29 -1.67
CA ASN A 224 -12.79 -5.29 -0.41
C ASN A 224 -12.42 -3.83 -0.20
N TYR A 225 -11.99 -3.47 0.99
CA TYR A 225 -11.71 -2.06 1.25
C TYR A 225 -10.69 -1.88 2.32
N PHE A 226 -10.13 -0.69 2.35
CA PHE A 226 -9.17 -0.32 3.35
C PHE A 226 -9.53 1.09 3.73
N ASP A 227 -10.16 1.27 4.90
CA ASP A 227 -10.55 2.55 5.46
C ASP A 227 -9.61 3.09 6.51
N ALA A 228 -8.77 4.04 6.09
CA ALA A 228 -7.82 4.60 7.02
C ALA A 228 -8.12 6.05 7.29
N ARG A 229 -9.41 6.40 7.23
CA ARG A 229 -9.79 7.76 7.45
C ARG A 229 -9.39 8.30 8.85
N ASN A 230 -9.33 7.42 9.85
CA ASN A 230 -9.05 7.74 11.22
C ASN A 230 -7.58 7.74 11.52
N ILE A 231 -6.79 7.39 10.49
CA ILE A 231 -5.31 7.51 10.60
C ILE A 231 -4.95 8.80 9.95
N LYS A 232 -4.36 9.74 10.71
CA LYS A 232 -4.13 11.06 10.17
C LYS A 232 -3.34 11.05 8.87
N ASN A 233 -2.26 10.29 8.87
CA ASN A 233 -1.34 10.20 7.75
C ASN A 233 -1.01 8.74 7.40
N VAL A 234 -1.18 8.36 6.14
CA VAL A 234 -0.63 7.05 5.67
C VAL A 234 0.43 7.34 4.62
N GLU A 235 1.55 6.63 4.68
CA GLU A 235 2.62 6.75 3.72
C GLU A 235 2.87 5.44 2.99
N ILE A 236 2.88 5.46 1.64
CA ILE A 236 3.24 4.33 0.79
C ILE A 236 4.65 4.55 0.30
N THR A 237 5.55 3.62 0.64
CA THR A 237 6.94 3.84 0.40
C THR A 237 7.36 3.29 -0.98
N ARG A 238 6.58 2.40 -1.59
CA ARG A 238 7.08 1.65 -2.76
C ARG A 238 5.99 1.50 -3.82
N LYS A 239 4.88 0.91 -3.47
CA LYS A 239 3.96 0.46 -4.52
C LYS A 239 2.49 0.46 -4.07
N PHE A 240 1.63 1.04 -4.89
CA PHE A 240 0.24 1.03 -4.59
C PHE A 240 -0.43 0.70 -5.88
N ALA A 241 -0.99 -0.51 -5.99
CA ALA A 241 -1.33 -1.03 -7.33
C ALA A 241 -2.38 -2.12 -7.21
N SER A 242 -2.94 -2.53 -8.32
CA SER A 242 -3.82 -3.67 -8.34
C SER A 242 -3.08 -4.99 -8.08
N SER A 243 -3.78 -5.94 -7.46
CA SER A 243 -3.26 -7.23 -7.25
C SER A 243 -3.25 -7.99 -8.55
N THR A 244 -3.86 -7.47 -9.62
CA THR A 244 -3.77 -8.13 -10.93
C THR A 244 -3.57 -7.00 -11.94
N PRO A 245 -2.34 -6.41 -12.00
CA PRO A 245 -2.15 -5.19 -12.81
C PRO A 245 -2.36 -5.35 -14.33
N GLU A 246 -2.27 -6.58 -14.84
CA GLU A 246 -2.49 -6.80 -16.29
C GLU A 246 -3.97 -6.62 -16.67
N ASN A 247 -4.86 -6.94 -15.72
CA ASN A 247 -6.29 -6.70 -15.84
C ASN A 247 -7.07 -6.36 -14.57
N PRO A 248 -6.93 -5.11 -14.07
CA PRO A 248 -7.66 -4.69 -12.85
C PRO A 248 -9.16 -4.66 -13.14
N TRP A 249 -10.01 -4.82 -12.14
CA TRP A 249 -11.44 -5.03 -12.43
C TRP A 249 -12.27 -4.69 -11.18
N GLY A 250 -13.57 -4.38 -11.36
CA GLY A 250 -14.51 -4.09 -10.28
C GLY A 250 -14.10 -2.85 -9.53
N THR A 251 -14.45 -2.78 -8.24
CA THR A 251 -14.29 -1.61 -7.38
C THR A 251 -13.71 -2.07 -6.05
N SER A 252 -12.54 -1.51 -5.76
CA SER A 252 -11.85 -1.64 -4.49
C SER A 252 -11.96 -0.27 -3.83
N LYS A 253 -12.28 -0.18 -2.55
CA LYS A 253 -12.48 1.14 -1.94
C LYS A 253 -11.37 1.44 -0.97
N LEU A 254 -10.63 2.50 -1.24
CA LEU A 254 -9.46 2.87 -0.46
C LEU A 254 -9.75 4.24 0.10
N MET A 255 -9.65 4.40 1.42
CA MET A 255 -9.98 5.70 2.10
C MET A 255 -8.91 6.21 3.04
N PHE A 256 -8.59 7.49 2.93
CA PHE A 256 -7.49 8.05 3.68
C PHE A 256 -7.93 9.39 4.19
N ASN A 257 -7.29 9.83 5.26
CA ASN A 257 -7.27 11.23 5.64
C ASN A 257 -6.14 11.89 4.81
N ASN A 258 -4.90 11.86 5.32
CA ASN A 258 -3.79 12.30 4.45
C ASN A 258 -3.14 11.09 3.83
N LEU A 259 -2.76 11.22 2.55
CA LEU A 259 -2.03 10.15 1.89
C LEU A 259 -0.75 10.70 1.26
N THR A 260 0.38 10.05 1.50
CA THR A 260 1.60 10.46 0.91
C THR A 260 2.20 9.30 0.15
N LEU A 261 2.58 9.60 -1.07
CA LEU A 261 3.38 8.72 -1.91
C LEU A 261 4.86 9.14 -1.78
N GLY A 262 5.73 8.28 -1.23
CA GLY A 262 7.09 8.60 -0.93
C GLY A 262 7.97 8.56 -2.18
N GLN A 263 9.25 8.81 -1.97
CA GLN A 263 10.19 9.04 -3.02
C GLN A 263 10.35 7.75 -3.84
N ASN A 264 10.21 7.86 -5.18
CA ASN A 264 10.23 6.71 -6.10
C ASN A 264 9.15 5.67 -5.93
N ALA A 265 8.15 5.89 -5.07
CA ALA A 265 6.98 4.98 -4.93
C ALA A 265 6.11 5.11 -6.13
N VAL A 266 5.39 4.06 -6.50
CA VAL A 266 4.54 4.07 -7.71
C VAL A 266 3.10 3.78 -7.34
N MET A 267 2.18 4.64 -7.77
CA MET A 267 0.80 4.41 -7.49
C MET A 267 0.06 4.14 -8.78
N ASP A 268 -0.59 3.00 -8.95
CA ASP A 268 -1.43 2.80 -10.12
C ASP A 268 -2.88 3.19 -9.78
N TYR A 269 -3.44 4.11 -10.58
CA TYR A 269 -4.72 4.72 -10.28
C TYR A 269 -5.60 4.57 -11.50
N SER A 270 -6.77 3.94 -11.33
CA SER A 270 -7.71 3.73 -12.40
C SER A 270 -9.13 3.88 -11.89
N GLN A 271 -10.08 3.66 -12.79
CA GLN A 271 -11.49 3.50 -12.41
C GLN A 271 -11.79 2.32 -11.49
N PHE A 272 -10.80 1.45 -11.25
CA PHE A 272 -11.02 0.23 -10.44
C PHE A 272 -10.56 0.44 -9.04
N SER A 273 -9.95 1.58 -8.78
CA SER A 273 -9.48 1.89 -7.45
C SER A 273 -10.19 3.17 -6.97
N ASN A 274 -11.31 3.01 -6.28
CA ASN A 274 -12.06 4.13 -5.82
C ASN A 274 -11.30 4.72 -4.62
N LEU A 275 -10.68 5.88 -4.79
CA LEU A 275 -9.86 6.47 -3.79
C LEU A 275 -10.56 7.62 -3.08
N THR A 276 -10.82 7.54 -1.78
CA THR A 276 -11.28 8.74 -1.08
C THR A 276 -10.07 9.32 -0.29
N ILE A 277 -9.79 10.61 -0.47
CA ILE A 277 -8.71 11.31 0.28
C ILE A 277 -9.38 12.49 0.89
N GLN A 278 -9.77 12.35 2.14
CA GLN A 278 -10.46 13.45 2.80
C GLN A 278 -9.54 14.69 3.19
N GLY A 279 -8.23 14.48 3.38
CA GLY A 279 -7.33 15.57 3.79
C GLY A 279 -6.45 15.88 2.62
N ASP A 280 -5.16 15.62 2.79
CA ASP A 280 -4.16 16.10 1.87
C ASP A 280 -3.53 14.97 1.14
N PHE A 281 -3.09 15.23 -0.09
CA PHE A 281 -2.39 14.22 -0.88
C PHE A 281 -1.04 14.76 -1.26
N ILE A 282 0.01 13.97 -1.00
CA ILE A 282 1.36 14.49 -1.35
C ILE A 282 2.09 13.46 -2.20
N ASN A 283 2.43 13.82 -3.44
CA ASN A 283 3.29 12.98 -4.23
C ASN A 283 4.69 13.53 -4.02
N ASN A 284 5.40 12.90 -3.09
CA ASN A 284 6.76 13.32 -2.79
C ASN A 284 7.75 12.58 -3.70
N GLN A 285 7.90 13.05 -4.94
CA GLN A 285 8.85 12.47 -5.92
C GLN A 285 8.55 10.99 -6.24
N GLY A 286 7.25 10.66 -6.33
CA GLY A 286 6.83 9.33 -6.74
C GLY A 286 6.15 9.51 -8.10
N THR A 287 5.40 8.50 -8.55
CA THR A 287 4.77 8.46 -9.84
C THR A 287 3.38 7.92 -9.72
N ILE A 288 2.42 8.62 -10.33
CA ILE A 288 1.06 8.11 -10.42
C ILE A 288 0.89 7.69 -11.91
N ASN A 289 0.64 6.40 -12.16
CA ASN A 289 0.29 5.84 -13.44
C ASN A 289 -1.24 5.85 -13.58
N TYR A 290 -1.77 6.64 -14.47
CA TYR A 290 -3.18 6.62 -14.72
C TYR A 290 -3.49 5.65 -15.86
N LEU A 291 -4.41 4.72 -15.54
CA LEU A 291 -4.88 3.74 -16.51
C LEU A 291 -6.06 4.34 -17.32
N VAL A 292 -5.91 4.31 -18.66
CA VAL A 292 -7.01 4.65 -19.54
C VAL A 292 -7.91 3.47 -19.84
N ARG A 293 -9.18 3.61 -19.46
CA ARG A 293 -10.22 2.66 -19.87
C ARG A 293 -11.32 3.48 -20.49
N GLY A 294 -11.80 3.05 -21.64
CA GLY A 294 -12.89 3.76 -22.35
C GLY A 294 -12.46 5.12 -22.90
N GLY A 295 -11.19 5.28 -23.25
CA GLY A 295 -10.70 6.57 -23.67
C GLY A 295 -10.54 7.63 -22.58
N LYS A 296 -10.66 7.23 -21.32
CA LYS A 296 -10.77 8.15 -20.19
C LYS A 296 -9.87 7.74 -19.05
N VAL A 297 -9.64 8.68 -18.12
CA VAL A 297 -8.92 8.39 -16.84
C VAL A 297 -9.76 8.65 -15.60
N ALA A 298 -9.37 8.08 -14.48
CA ALA A 298 -9.95 8.48 -13.26
C ALA A 298 -9.34 9.82 -12.72
N THR A 299 -10.20 10.71 -12.23
CA THR A 299 -9.75 11.92 -11.52
C THR A 299 -9.39 11.63 -10.09
N LEU A 300 -8.21 12.05 -9.68
CA LEU A 300 -7.78 11.83 -8.32
C LEU A 300 -8.32 13.03 -7.54
N ASN A 301 -9.36 12.86 -6.71
CA ASN A 301 -10.01 13.95 -6.01
C ASN A 301 -9.43 14.09 -4.62
N VAL A 302 -8.94 15.29 -4.32
CA VAL A 302 -8.24 15.49 -3.04
C VAL A 302 -9.17 16.42 -2.23
N GLY A 303 -9.59 16.05 -1.03
CA GLY A 303 -10.55 16.87 -0.24
C GLY A 303 -9.96 18.20 0.19
N ASN A 304 -8.65 18.26 0.38
CA ASN A 304 -8.07 19.52 0.86
C ASN A 304 -6.90 19.89 -0.05
N ALA A 305 -5.65 19.80 0.41
CA ALA A 305 -4.48 20.29 -0.37
C ALA A 305 -3.69 19.16 -1.00
N ALA A 306 -3.19 19.44 -2.19
CA ALA A 306 -2.29 18.55 -2.88
C ALA A 306 -0.88 19.22 -3.00
N ALA A 307 0.18 18.43 -2.88
CA ALA A 307 1.57 18.89 -3.11
C ALA A 307 2.19 17.93 -4.15
N MET A 308 2.66 18.51 -5.25
CA MET A 308 3.46 17.76 -6.16
C MET A 308 4.87 18.19 -5.90
N MET A 309 5.65 17.31 -5.28
CA MET A 309 7.09 17.56 -5.03
C MET A 309 7.98 16.77 -5.99
N PHE A 310 8.93 17.46 -6.64
CA PHE A 310 9.82 16.83 -7.61
C PHE A 310 11.31 17.18 -7.39
N ASN A 311 12.23 16.44 -7.99
CA ASN A 311 13.67 16.67 -7.95
C ASN A 311 14.22 16.77 -9.34
N ASN A 312 15.49 17.10 -9.44
CA ASN A 312 16.17 17.28 -10.72
C ASN A 312 17.07 16.08 -11.13
N ASP A 313 16.87 14.92 -10.52
CA ASP A 313 17.63 13.74 -10.92
C ASP A 313 17.34 13.42 -12.41
N ILE A 314 18.37 13.10 -13.16
CA ILE A 314 18.12 12.62 -14.50
C ILE A 314 18.12 11.12 -14.38
N ASP A 315 17.06 10.48 -14.88
CA ASP A 315 17.03 9.00 -14.93
C ASP A 315 18.15 8.39 -15.88
N SER A 316 18.95 7.45 -15.37
CA SER A 316 19.96 6.76 -16.28
C SER A 316 19.25 6.06 -17.48
N ALA A 317 18.09 5.48 -17.21
CA ALA A 317 17.21 4.84 -18.18
C ALA A 317 16.72 5.73 -19.31
N THR A 318 16.71 7.06 -19.17
CA THR A 318 16.06 7.93 -20.17
C THR A 318 16.80 9.22 -20.52
N GLY A 319 17.70 9.63 -19.64
CA GLY A 319 18.35 10.95 -19.81
C GLY A 319 17.46 12.16 -19.54
N PHE A 320 16.33 11.98 -18.85
CA PHE A 320 15.42 13.09 -18.50
C PHE A 320 14.90 12.92 -17.07
N TYR A 321 14.19 13.96 -16.59
CA TYR A 321 13.57 13.94 -15.27
C TYR A 321 12.58 12.82 -15.21
N LYS A 322 12.54 12.11 -14.08
CA LYS A 322 11.45 11.20 -13.81
C LYS A 322 10.06 11.90 -13.76
N PRO A 323 9.10 11.36 -14.48
CA PRO A 323 7.74 11.89 -14.39
C PRO A 323 7.12 11.58 -13.01
N LEU A 324 6.33 12.54 -12.49
CA LEU A 324 5.37 12.37 -11.38
C LEU A 324 4.00 11.76 -11.80
N ILE A 325 3.66 11.88 -13.07
CA ILE A 325 2.41 11.38 -13.60
C ILE A 325 2.74 10.70 -14.94
N LYS A 326 2.26 9.45 -15.12
CA LYS A 326 2.37 8.75 -16.35
C LYS A 326 0.97 8.30 -16.77
N ILE A 327 0.68 8.47 -18.06
CA ILE A 327 -0.54 8.01 -18.69
C ILE A 327 -0.11 7.05 -19.80
N ASN A 328 -0.24 5.76 -19.57
CA ASN A 328 0.06 4.85 -20.66
C ASN A 328 -1.20 4.52 -21.50
N SER A 329 -0.99 4.26 -22.79
CA SER A 329 -2.08 4.10 -23.72
C SER A 329 -2.79 5.44 -23.87
N ALA A 330 -1.99 6.51 -23.71
CA ALA A 330 -2.47 7.85 -23.97
C ALA A 330 -2.99 8.01 -25.41
N GLN A 331 -2.48 7.20 -26.35
CA GLN A 331 -2.92 7.27 -27.75
C GLN A 331 -4.46 7.01 -27.87
N ASP A 332 -4.98 6.23 -26.91
CA ASP A 332 -6.44 5.93 -26.74
C ASP A 332 -7.29 7.00 -26.04
N LEU A 333 -6.68 8.06 -25.57
CA LEU A 333 -7.40 9.14 -24.95
C LEU A 333 -8.43 9.64 -25.94
N ILE A 334 -9.63 9.98 -25.48
CA ILE A 334 -10.60 10.65 -26.35
C ILE A 334 -9.94 12.00 -26.69
N LYS A 335 -10.03 12.41 -27.98
CA LYS A 335 -9.44 13.67 -28.43
C LYS A 335 -10.45 14.78 -28.17
N ASN A 336 -10.01 16.03 -28.08
CA ASN A 336 -10.90 17.23 -27.93
C ASN A 336 -11.71 17.25 -26.63
N THR A 337 -11.15 16.71 -25.57
CA THR A 337 -11.84 16.77 -24.29
C THR A 337 -10.84 16.78 -23.18
N GLU A 338 -11.20 17.40 -22.06
CA GLU A 338 -10.29 17.62 -20.99
C GLU A 338 -10.34 16.43 -20.05
N HIS A 339 -9.21 15.77 -19.89
CA HIS A 339 -9.10 14.66 -18.98
C HIS A 339 -8.52 15.25 -17.73
N VAL A 340 -9.31 15.29 -16.66
CA VAL A 340 -8.87 15.93 -15.44
C VAL A 340 -8.25 14.88 -14.59
N LEU A 341 -7.01 15.08 -14.24
CA LEU A 341 -6.23 14.07 -13.62
C LEU A 341 -6.24 14.15 -12.07
N LEU A 342 -6.30 15.37 -11.57
CA LEU A 342 -6.24 15.67 -10.12
C LEU A 342 -6.98 16.95 -9.88
N LYS A 343 -7.78 16.96 -8.82
CA LYS A 343 -8.55 18.10 -8.38
C LYS A 343 -8.40 18.15 -6.85
N ALA A 344 -8.02 19.32 -6.34
CA ALA A 344 -7.82 19.57 -4.92
C ALA A 344 -8.35 20.96 -4.61
N LYS A 345 -8.61 21.25 -3.36
CA LYS A 345 -8.85 22.66 -3.02
C LYS A 345 -7.70 23.59 -3.39
N ILE A 346 -6.46 23.14 -3.27
CA ILE A 346 -5.31 23.95 -3.56
C ILE A 346 -4.19 22.98 -3.87
N ILE A 347 -3.43 23.21 -4.93
CA ILE A 347 -2.32 22.39 -5.38
C ILE A 347 -1.05 23.25 -5.30
N GLY A 348 -0.07 22.75 -4.59
CA GLY A 348 1.27 23.27 -4.66
C GLY A 348 2.25 22.40 -5.42
N TYR A 349 3.21 23.08 -6.04
CA TYR A 349 4.32 22.48 -6.83
C TYR A 349 5.64 22.86 -6.17
N GLY A 350 6.57 21.92 -6.00
CA GLY A 350 7.79 22.27 -5.32
C GLY A 350 8.89 21.45 -5.91
N ASN A 351 10.01 22.12 -6.19
CA ASN A 351 11.25 21.48 -6.58
C ASN A 351 12.18 21.41 -5.37
N VAL A 352 12.47 20.18 -4.99
CA VAL A 352 13.25 19.81 -3.84
C VAL A 352 14.74 19.97 -4.11
N SER A 353 15.15 20.01 -5.36
CA SER A 353 16.58 19.98 -5.55
C SER A 353 17.12 21.25 -6.18
N THR A 354 16.28 22.27 -6.18
CA THR A 354 16.66 23.64 -6.53
C THR A 354 18.05 24.08 -6.05
N GLY A 355 18.48 23.46 -4.93
CA GLY A 355 19.89 23.42 -4.53
C GLY A 355 20.79 22.84 -5.63
N THR A 356 20.50 23.24 -6.89
CA THR A 356 21.41 23.02 -8.05
C THR A 356 21.24 23.88 -9.37
N ASN A 357 22.40 24.34 -9.87
CA ASN A 357 22.69 24.93 -11.22
C ASN A 357 22.67 26.47 -11.39
N GLY A 358 22.53 27.18 -10.27
CA GLY A 358 21.75 28.42 -10.23
C GLY A 358 20.25 28.09 -10.04
N ILE A 359 19.41 29.12 -10.13
CA ILE A 359 17.95 28.97 -9.94
C ILE A 359 17.32 28.90 -11.33
N SER A 360 16.40 27.98 -11.56
CA SER A 360 15.76 27.87 -12.88
C SER A 360 14.98 29.14 -13.29
N ASN A 361 14.95 29.43 -14.59
CA ASN A 361 14.05 30.51 -15.11
C ASN A 361 12.59 30.03 -15.24
N VAL A 362 12.43 28.69 -15.23
CA VAL A 362 11.16 28.02 -15.50
C VAL A 362 10.28 28.00 -14.25
N ASN A 363 9.09 28.56 -14.33
CA ASN A 363 8.25 28.49 -13.12
C ASN A 363 7.76 27.05 -12.81
N LEU A 364 7.46 26.86 -11.54
CA LEU A 364 7.20 25.56 -10.93
C LEU A 364 6.11 24.71 -11.66
N GLU A 365 5.04 25.35 -12.13
CA GLU A 365 3.96 24.69 -12.89
C GLU A 365 4.50 24.09 -14.19
N GLU A 366 5.36 24.84 -14.86
CA GLU A 366 5.93 24.42 -16.13
C GLU A 366 6.99 23.31 -15.92
N GLN A 367 7.79 23.44 -14.87
CA GLN A 367 8.69 22.35 -14.50
C GLN A 367 7.84 21.16 -14.27
N PHE A 368 6.68 21.32 -13.61
CA PHE A 368 5.89 20.15 -13.30
C PHE A 368 5.39 19.47 -14.57
N LYS A 369 5.06 20.24 -15.60
CA LYS A 369 4.46 19.73 -16.82
C LYS A 369 5.46 18.85 -17.60
N GLU A 370 6.76 19.11 -17.44
CA GLU A 370 7.86 18.25 -17.92
C GLU A 370 7.91 16.84 -17.26
N ARG A 371 7.25 16.74 -16.11
CA ARG A 371 7.18 15.51 -15.35
C ARG A 371 5.78 14.92 -15.49
N LEU A 372 5.00 15.45 -16.45
CA LEU A 372 3.70 14.91 -16.77
C LEU A 372 3.76 14.17 -18.14
N ALA A 373 3.85 12.82 -18.10
CA ALA A 373 4.18 12.03 -19.25
C ALA A 373 2.97 11.27 -19.82
N LEU A 374 2.95 11.24 -21.17
CA LEU A 374 1.99 10.44 -21.99
C LEU A 374 2.74 9.50 -22.94
N TYR A 375 2.33 8.24 -22.97
CA TYR A 375 2.99 7.18 -23.72
C TYR A 375 2.02 6.54 -24.68
N ASN A 376 2.56 6.26 -25.86
CA ASN A 376 1.89 5.48 -26.85
C ASN A 376 2.47 4.09 -26.73
N ASN A 377 1.77 3.22 -26.03
CA ASN A 377 2.24 1.87 -25.84
C ASN A 377 3.67 1.80 -25.28
N ASN A 378 3.98 2.61 -24.28
CA ASN A 378 5.34 2.64 -23.70
C ASN A 378 6.43 3.38 -24.49
N ASN A 379 6.03 4.11 -25.53
CA ASN A 379 6.84 5.16 -26.09
C ASN A 379 6.31 6.54 -25.66
N ARG A 380 7.15 7.34 -25.01
CA ARG A 380 6.75 8.70 -24.68
C ARG A 380 6.39 9.52 -25.91
N MET A 381 5.23 10.16 -25.89
CA MET A 381 4.66 10.87 -27.02
C MET A 381 4.46 12.35 -26.73
N ASP A 382 4.39 12.75 -25.46
CA ASP A 382 4.27 14.16 -25.09
C ASP A 382 5.55 14.92 -25.26
N THR A 383 6.67 14.26 -25.09
CA THR A 383 7.95 14.93 -25.11
C THR A 383 8.94 13.89 -25.57
N CYS A 384 9.65 14.20 -26.65
CA CYS A 384 10.66 13.31 -27.22
C CYS A 384 12.06 13.72 -26.80
N VAL A 385 12.65 12.86 -25.98
CA VAL A 385 14.01 12.97 -25.46
C VAL A 385 14.97 12.32 -26.45
N VAL A 386 15.74 13.15 -27.16
CA VAL A 386 16.59 12.68 -28.25
C VAL A 386 18.08 12.82 -27.93
N ARG A 387 18.71 11.67 -27.71
CA ARG A 387 20.18 11.55 -27.50
C ARG A 387 20.90 11.00 -28.73
N ASN A 388 20.14 10.24 -29.54
CA ASN A 388 20.67 9.60 -30.78
C ASN A 388 19.57 9.32 -31.84
N THR A 389 20.05 8.87 -32.99
CA THR A 389 19.28 8.25 -34.06
C THR A 389 18.16 7.25 -33.64
N ASP A 390 18.43 6.35 -32.68
CA ASP A 390 17.44 5.35 -32.28
C ASP A 390 16.28 6.05 -31.53
N ASP A 391 16.59 7.16 -30.85
CA ASP A 391 15.59 7.95 -30.11
C ASP A 391 14.65 8.67 -31.10
N ILE A 392 15.20 9.14 -32.21
CA ILE A 392 14.45 9.70 -33.35
C ILE A 392 13.39 8.72 -33.88
N LYS A 393 13.78 7.46 -34.02
CA LYS A 393 12.89 6.38 -34.49
C LYS A 393 11.78 6.13 -33.46
N ALA A 394 12.18 5.93 -32.22
CA ALA A 394 11.23 5.69 -31.18
C ALA A 394 10.15 6.81 -31.16
N CYS A 395 10.61 8.07 -31.24
CA CYS A 395 9.76 9.26 -31.26
C CYS A 395 8.86 9.25 -32.50
N GLY A 396 9.49 9.04 -33.67
CA GLY A 396 8.76 8.76 -34.90
C GLY A 396 7.66 7.74 -34.66
N MET A 397 8.00 6.63 -34.00
CA MET A 397 7.06 5.59 -33.58
C MET A 397 5.95 6.08 -32.62
N ALA A 398 6.31 6.92 -31.64
CA ALA A 398 5.40 7.40 -30.61
C ALA A 398 4.27 8.28 -31.20
N ILE A 399 4.64 9.20 -32.07
CA ILE A 399 3.74 10.19 -32.64
C ILE A 399 3.27 9.77 -34.07
N GLY A 400 3.69 8.58 -34.54
CA GLY A 400 3.26 8.05 -35.81
C GLY A 400 3.80 8.78 -37.04
N ASN A 401 5.02 9.34 -36.97
CA ASN A 401 5.67 9.95 -38.15
C ASN A 401 6.63 8.94 -38.84
N GLN A 402 6.21 8.44 -40.00
CA GLN A 402 6.94 7.38 -40.76
C GLN A 402 8.31 7.81 -41.26
N SER A 403 8.52 9.08 -41.54
CA SER A 403 9.83 9.49 -42.07
C SER A 403 10.92 9.72 -41.00
N MET A 404 10.48 9.87 -39.73
CA MET A 404 11.36 9.86 -38.56
C MET A 404 11.88 8.44 -38.30
N VAL A 405 11.00 7.46 -38.44
CA VAL A 405 11.37 6.06 -38.34
C VAL A 405 12.31 5.64 -39.51
N ASN A 406 11.93 6.03 -40.74
CA ASN A 406 12.61 5.58 -41.96
C ASN A 406 13.91 6.36 -42.29
N ASN A 407 13.90 7.69 -42.05
CA ASN A 407 15.10 8.53 -42.26
C ASN A 407 15.51 9.37 -41.06
N PRO A 408 15.96 8.70 -39.97
CA PRO A 408 16.22 9.43 -38.73
C PRO A 408 17.30 10.55 -38.86
N ASP A 409 18.30 10.38 -39.74
CA ASP A 409 19.38 11.37 -39.89
C ASP A 409 18.87 12.64 -40.63
N ASN A 410 17.60 12.61 -41.04
CA ASN A 410 16.87 13.83 -41.46
C ASN A 410 16.55 14.80 -40.30
N TYR A 411 16.51 14.31 -39.05
CA TYR A 411 16.08 15.11 -37.88
C TYR A 411 17.20 15.21 -36.86
N LYS A 412 18.43 15.29 -37.39
CA LYS A 412 19.68 15.33 -36.62
C LYS A 412 19.68 16.55 -35.70
N TYR A 413 18.98 17.61 -36.14
CA TYR A 413 18.73 18.84 -35.36
C TYR A 413 18.02 18.65 -33.99
N LEU A 414 17.40 17.49 -33.79
CA LEU A 414 16.76 17.14 -32.55
C LEU A 414 17.71 16.50 -31.52
N ILE A 415 18.91 16.09 -31.94
CA ILE A 415 19.87 15.39 -31.08
C ILE A 415 20.48 16.33 -30.03
N GLY A 416 20.39 15.92 -28.75
CA GLY A 416 20.71 16.79 -27.63
C GLY A 416 19.47 17.53 -27.11
N LYS A 417 18.30 17.29 -27.71
CA LYS A 417 17.12 18.11 -27.41
C LYS A 417 15.94 17.33 -26.82
N ALA A 418 15.17 17.96 -25.93
CA ALA A 418 13.79 17.54 -25.58
C ALA A 418 12.77 18.26 -26.48
N TRP A 419 12.04 17.48 -27.28
CA TRP A 419 11.06 18.08 -28.18
C TRP A 419 9.65 17.88 -27.60
N LYS A 420 8.90 18.98 -27.53
CA LYS A 420 7.56 19.00 -26.95
C LYS A 420 6.57 18.83 -28.05
N ASN A 421 5.76 17.78 -27.93
CA ASN A 421 4.64 17.56 -28.84
C ASN A 421 3.46 18.40 -28.39
N ILE A 422 3.39 19.62 -28.87
CA ILE A 422 2.29 20.51 -28.49
C ILE A 422 0.94 19.94 -29.06
N GLY A 423 -0.24 20.44 -28.74
CA GLY A 423 -1.34 19.53 -29.27
C GLY A 423 -1.63 18.29 -28.37
N ILE A 424 -0.64 17.84 -27.62
CA ILE A 424 -0.98 17.52 -26.23
C ILE A 424 -0.78 18.78 -25.38
N SER A 425 -1.87 19.27 -24.82
CA SER A 425 -1.81 20.46 -24.00
C SER A 425 -2.02 20.03 -22.51
N LYS A 426 -1.25 20.60 -21.59
CA LYS A 426 -1.24 20.21 -20.17
C LYS A 426 -1.64 21.40 -19.35
N THR A 427 -2.37 21.20 -18.28
CA THR A 427 -2.74 22.29 -17.36
C THR A 427 -2.37 21.90 -15.94
N ALA A 428 -1.58 22.71 -15.25
CA ALA A 428 -1.21 22.42 -13.85
C ALA A 428 -1.28 23.77 -13.16
N ASN A 429 -2.42 24.04 -12.49
CA ASN A 429 -2.66 25.31 -11.77
C ASN A 429 -3.02 25.01 -10.33
N GLY A 430 -3.50 25.99 -9.57
CA GLY A 430 -3.65 25.85 -8.14
C GLY A 430 -4.89 25.04 -7.78
N SER A 431 -5.64 24.64 -8.81
CA SER A 431 -6.89 23.90 -8.62
C SER A 431 -6.99 22.53 -9.26
N LYS A 432 -6.42 22.33 -10.44
CA LYS A 432 -6.36 21.03 -11.09
C LYS A 432 -5.08 20.78 -11.95
N ILE A 433 -4.91 19.51 -12.34
CA ILE A 433 -3.98 19.10 -13.34
C ILE A 433 -4.80 18.39 -14.37
N SER A 434 -4.63 18.70 -15.65
CA SER A 434 -5.41 18.05 -16.69
C SER A 434 -4.67 18.03 -18.02
N VAL A 435 -5.26 17.33 -18.97
CA VAL A 435 -4.64 17.07 -20.25
C VAL A 435 -5.69 17.18 -21.34
N TYR A 436 -5.34 17.83 -22.42
CA TYR A 436 -6.27 18.07 -23.53
C TYR A 436 -5.52 17.64 -24.78
N TYR A 437 -6.08 16.68 -25.51
CA TYR A 437 -5.39 16.01 -26.63
C TYR A 437 -6.07 16.33 -27.94
N LEU A 438 -5.34 16.98 -28.82
CA LEU A 438 -5.90 17.32 -30.14
C LEU A 438 -5.44 16.41 -31.30
N GLY A 439 -4.24 15.86 -31.18
CA GLY A 439 -3.52 15.16 -32.24
C GLY A 439 -2.02 15.40 -32.06
N ASN A 440 -1.21 14.86 -32.98
CA ASN A 440 0.25 14.98 -32.84
C ASN A 440 0.74 16.10 -33.71
N SER A 441 1.61 16.96 -33.16
CA SER A 441 2.45 17.86 -34.00
C SER A 441 3.66 17.08 -34.54
N THR A 442 4.39 17.75 -35.43
CA THR A 442 5.57 17.20 -36.06
C THR A 442 6.73 18.18 -35.71
N PRO A 443 7.97 17.66 -35.61
CA PRO A 443 9.09 18.61 -35.41
C PRO A 443 9.59 19.32 -36.70
N THR A 444 10.12 20.54 -36.51
CA THR A 444 10.66 21.42 -37.56
C THR A 444 12.11 21.69 -37.19
N GLU A 445 13.02 21.82 -38.18
CA GLU A 445 14.40 22.27 -37.85
C GLU A 445 14.34 23.49 -36.91
N ASN A 446 13.78 24.59 -37.43
CA ASN A 446 13.59 25.82 -36.65
C ASN A 446 12.18 26.00 -36.05
N GLY A 447 11.57 24.89 -35.62
CA GLY A 447 10.21 24.91 -35.11
C GLY A 447 10.06 25.50 -33.73
N GLY A 448 11.17 25.58 -32.98
CA GLY A 448 11.13 25.81 -31.52
C GLY A 448 10.56 24.58 -30.83
N ASN A 449 9.86 24.79 -29.71
CA ASN A 449 9.33 23.65 -28.83
C ASN A 449 10.38 22.63 -28.39
N THR A 450 11.58 23.13 -28.23
CA THR A 450 12.72 22.27 -28.06
C THR A 450 13.46 22.80 -26.84
N THR A 451 14.15 21.92 -26.14
CA THR A 451 14.91 22.36 -24.99
C THR A 451 16.20 21.50 -24.88
N ASN A 452 17.32 22.06 -24.42
CA ASN A 452 18.56 21.29 -24.37
C ASN A 452 18.39 20.29 -23.24
N LEU A 453 18.71 19.04 -23.49
CA LEU A 453 18.67 18.00 -22.45
C LEU A 453 19.58 18.34 -21.23
N PRO A 454 19.23 17.80 -20.05
CA PRO A 454 19.85 18.22 -18.77
C PRO A 454 21.37 17.95 -18.53
N THR A 455 21.89 16.75 -18.82
CA THR A 455 23.34 16.39 -18.58
C THR A 455 23.78 16.34 -17.09
N ASN A 456 23.61 15.22 -16.37
CA ASN A 456 24.12 15.23 -14.96
C ASN A 456 25.68 15.08 -14.74
N THR A 457 26.20 13.85 -14.53
CA THR A 457 27.66 13.56 -14.51
C THR A 457 28.09 12.90 -15.83
#